data_1W0T
#
_entry.id   1W0T
#
_cell.length_a   38.443
_cell.length_b   72.360
_cell.length_c   116.706
_cell.angle_alpha   90.00
_cell.angle_beta   90.00
_cell.angle_gamma   90.00
#
_symmetry.space_group_name_H-M   'P 21 21 21'
#
loop_
_entity.id
_entity.type
_entity.pdbx_description
1 polymer 'TELOMERIC REPEAT BINDING FACTOR 1'
2 polymer "5'-D(*CP*TP*GP*TP*TP*AP*GP*GP*GP*TP *TP*AP*GP*GP*GP*TP*TP*AP*G)-3'"
3 polymer "5'-D(*TP*CP*TP*AP*AP*CP*CP*CP*TP*AP *AP*CP*CP*CP*TP*AP*AP*CP*A)-3'"
4 water water
#
loop_
_entity_poly.entity_id
_entity_poly.type
_entity_poly.pdbx_seq_one_letter_code
_entity_poly.pdbx_strand_id
1 'polypeptide(L)' KRQAWLWEEDKNLRSGVRKYGEGNWSKILLHYKFNNRTSVMLKDRWRTMKKLK A,B
2 'polydeoxyribonucleotide' (DC)(DT)(DG)(DT)(DT)(DA)(DG)(DG)(DG)(DT)(DT)(DA)(DG)(DG)(DG)(DT)(DT)(DA)(DG) C
3 'polydeoxyribonucleotide' (DT)(DC)(DT)(DA)(DA)(DC)(DC)(DC)(DT)(DA)(DA)(DC)(DC)(DC)(DT)(DA)(DA)(DC)(DA) D
#
loop_
_chem_comp.id
_chem_comp.type
_chem_comp.name
_chem_comp.formula
DA DNA linking 2'-DEOXYADENOSINE-5'-MONOPHOSPHATE 'C10 H14 N5 O6 P'
DC DNA linking 2'-DEOXYCYTIDINE-5'-MONOPHOSPHATE 'C9 H14 N3 O7 P'
DG DNA linking 2'-DEOXYGUANOSINE-5'-MONOPHOSPHATE 'C10 H14 N5 O7 P'
DT DNA linking THYMIDINE-5'-MONOPHOSPHATE 'C10 H15 N2 O8 P'
#
# COMPACT_ATOMS: atom_id res chain seq x y z
N LYS A 1 23.50 12.23 7.26
CA LYS A 1 23.18 12.25 5.80
C LYS A 1 22.91 10.85 5.25
N ARG A 2 23.29 10.63 4.00
CA ARG A 2 23.11 9.35 3.32
C ARG A 2 23.81 8.24 4.11
N GLN A 3 23.23 7.03 4.08
CA GLN A 3 23.83 5.93 4.81
C GLN A 3 23.80 4.61 4.07
N ALA A 4 24.93 4.22 3.49
CA ALA A 4 25.01 2.97 2.76
C ALA A 4 24.67 1.86 3.74
N TRP A 5 24.32 0.70 3.22
CA TRP A 5 23.94 -0.44 4.06
C TRP A 5 25.10 -1.36 4.42
N LEU A 6 25.28 -1.63 5.71
CA LEU A 6 26.33 -2.52 6.18
C LEU A 6 25.89 -3.97 6.01
N TRP A 7 26.85 -4.89 5.96
CA TRP A 7 26.55 -6.31 5.79
C TRP A 7 25.64 -6.85 6.89
N GLU A 8 25.75 -6.29 8.09
CA GLU A 8 24.90 -6.74 9.19
C GLU A 8 23.44 -6.41 8.91
N GLU A 9 23.17 -5.19 8.46
CA GLU A 9 21.80 -4.76 8.16
C GLU A 9 21.21 -5.66 7.09
N ASP A 10 22.00 -5.95 6.05
CA ASP A 10 21.52 -6.81 4.97
C ASP A 10 21.19 -8.21 5.49
N LYS A 11 22.00 -8.70 6.43
CA LYS A 11 21.75 -10.03 6.98
C LYS A 11 20.42 -10.03 7.72
N ASN A 12 20.24 -9.05 8.60
CA ASN A 12 18.99 -8.93 9.33
C ASN A 12 17.80 -8.80 8.38
N LEU A 13 17.93 -7.97 7.35
CA LEU A 13 16.84 -7.79 6.39
C LEU A 13 16.47 -9.12 5.76
N ARG A 14 17.46 -9.85 5.23
CA ARG A 14 17.17 -11.14 4.65
C ARG A 14 16.58 -12.10 5.68
N SER A 15 17.12 -12.12 6.90
CA SER A 15 16.57 -13.01 7.93
C SER A 15 15.12 -12.59 8.16
N GLY A 16 14.91 -11.27 8.20
CA GLY A 16 13.56 -10.75 8.42
C GLY A 16 12.59 -11.17 7.34
N VAL A 17 12.99 -11.10 6.09
CA VAL A 17 12.08 -11.48 5.02
C VAL A 17 11.74 -12.98 5.12
N ARG A 18 12.71 -13.81 5.46
CA ARG A 18 12.45 -15.24 5.58
C ARG A 18 11.42 -15.50 6.67
N LYS A 19 11.63 -14.90 7.84
CA LYS A 19 10.73 -15.09 8.96
C LYS A 19 9.36 -14.45 8.85
N TYR A 20 9.30 -13.24 8.30
CA TYR A 20 8.02 -12.53 8.20
C TYR A 20 7.45 -12.41 6.80
N GLY A 21 8.31 -12.58 5.80
CA GLY A 21 7.82 -12.49 4.44
C GLY A 21 8.07 -11.13 3.82
N GLU A 22 8.27 -11.14 2.50
CA GLU A 22 8.53 -9.94 1.70
C GLU A 22 7.34 -9.00 1.77
N GLY A 23 7.60 -7.71 1.97
CA GLY A 23 6.50 -6.75 2.03
C GLY A 23 6.03 -6.41 3.44
N ASN A 24 6.47 -7.17 4.42
CA ASN A 24 6.09 -6.92 5.82
C ASN A 24 7.21 -6.16 6.49
N TRP A 25 7.59 -5.05 5.86
CA TRP A 25 8.67 -4.21 6.31
C TRP A 25 8.60 -3.69 7.73
N SER A 26 7.43 -3.23 8.16
CA SER A 26 7.32 -2.69 9.50
C SER A 26 7.50 -3.75 10.57
N LYS A 27 7.01 -4.95 10.32
CA LYS A 27 7.17 -6.03 11.30
C LYS A 27 8.65 -6.42 11.38
N ILE A 28 9.32 -6.38 10.24
CA ILE A 28 10.75 -6.72 10.19
C ILE A 28 11.55 -5.69 10.94
N LEU A 29 11.24 -4.43 10.67
CA LEU A 29 11.93 -3.32 11.32
C LEU A 29 11.82 -3.42 12.83
N LEU A 30 10.73 -4.00 13.29
CA LEU A 30 10.46 -4.12 14.71
C LEU A 30 11.21 -5.26 15.39
N HIS A 31 11.60 -6.28 14.63
CA HIS A 31 12.29 -7.42 15.23
C HIS A 31 13.80 -7.56 15.05
N TYR A 32 14.43 -6.68 14.30
CA TYR A 32 15.88 -6.75 14.11
C TYR A 32 16.48 -5.38 14.22
N LYS A 33 17.77 -5.32 14.53
CA LYS A 33 18.44 -4.05 14.66
C LYS A 33 18.86 -3.52 13.30
N PHE A 34 18.61 -2.23 13.09
CA PHE A 34 18.99 -1.56 11.86
C PHE A 34 19.55 -0.19 12.19
N ASN A 35 20.35 0.36 11.28
CA ASN A 35 20.95 1.65 11.49
C ASN A 35 19.99 2.82 11.26
N ASN A 36 19.16 3.10 12.26
CA ASN A 36 18.21 4.20 12.19
C ASN A 36 17.50 4.20 10.84
N ARG A 37 16.77 3.15 10.54
CA ARG A 37 16.08 3.07 9.26
C ARG A 37 14.58 3.02 9.45
N THR A 38 13.84 3.33 8.38
CA THR A 38 12.39 3.29 8.41
C THR A 38 11.97 2.07 7.62
N SER A 39 10.70 1.72 7.70
CA SER A 39 10.19 0.58 6.96
C SER A 39 10.38 0.80 5.46
N VAL A 40 10.24 2.05 5.02
CA VAL A 40 10.37 2.36 3.59
C VAL A 40 11.81 2.09 3.13
N MET A 41 12.78 2.43 3.98
CA MET A 41 14.19 2.19 3.62
C MET A 41 14.45 0.70 3.43
N LEU A 42 13.86 -0.13 4.28
CA LEU A 42 14.02 -1.57 4.18
C LEU A 42 13.45 -2.04 2.86
N LYS A 43 12.29 -1.50 2.50
CA LYS A 43 11.62 -1.86 1.26
C LYS A 43 12.46 -1.46 0.04
N ASP A 44 13.12 -0.30 0.12
CA ASP A 44 13.95 0.16 -0.97
C ASP A 44 15.24 -0.65 -1.08
N ARG A 45 15.78 -1.08 0.06
CA ARG A 45 17.00 -1.89 0.06
C ARG A 45 16.71 -3.24 -0.56
N TRP A 46 15.55 -3.79 -0.24
CA TRP A 46 15.20 -5.10 -0.78
C TRP A 46 15.11 -5.01 -2.29
N ARG A 47 14.55 -3.90 -2.77
CA ARG A 47 14.41 -3.73 -4.21
C ARG A 47 15.79 -3.71 -4.87
N THR A 48 16.73 -3.02 -4.24
CA THR A 48 18.07 -2.92 -4.81
C THR A 48 18.76 -4.28 -4.71
N MET A 49 18.56 -4.99 -3.60
CA MET A 49 19.16 -6.30 -3.45
C MET A 49 18.65 -7.21 -4.56
N LYS A 50 17.38 -7.05 -4.93
CA LYS A 50 16.82 -7.88 -6.00
C LYS A 50 17.42 -7.45 -7.32
N LYS A 51 17.74 -6.16 -7.42
CA LYS A 51 18.32 -5.60 -8.64
C LYS A 51 19.83 -5.81 -8.65
N LEU A 52 20.30 -6.74 -7.83
CA LEU A 52 21.74 -7.04 -7.73
C LEU A 52 21.98 -8.46 -7.22
N LYS B 1 -2.60 -6.86 -7.48
CA LYS B 1 -1.74 -5.80 -8.09
C LYS B 1 -2.39 -4.44 -7.89
N ARG B 2 -1.57 -3.46 -7.51
CA ARG B 2 -2.02 -2.09 -7.25
C ARG B 2 -2.54 -1.42 -8.54
N GLN B 3 -3.79 -0.97 -8.53
CA GLN B 3 -4.38 -0.33 -9.70
C GLN B 3 -4.87 1.09 -9.50
N ALA B 4 -4.28 2.03 -10.24
CA ALA B 4 -4.69 3.43 -10.14
C ALA B 4 -6.17 3.50 -10.50
N TRP B 5 -6.88 4.46 -9.92
CA TRP B 5 -8.29 4.62 -10.21
C TRP B 5 -8.47 5.35 -11.53
N LEU B 6 -9.23 4.75 -12.45
CA LEU B 6 -9.49 5.36 -13.77
C LEU B 6 -10.67 6.34 -13.76
N TRP B 7 -10.72 7.21 -14.77
CA TRP B 7 -11.77 8.23 -14.87
C TRP B 7 -13.18 7.69 -14.76
N GLU B 8 -13.49 6.58 -15.43
CA GLU B 8 -14.82 6.00 -15.37
C GLU B 8 -15.19 5.46 -13.98
N GLU B 9 -14.21 4.93 -13.24
CA GLU B 9 -14.49 4.41 -11.90
C GLU B 9 -14.78 5.59 -11.02
N ASP B 10 -13.98 6.64 -11.16
CA ASP B 10 -14.18 7.85 -10.39
C ASP B 10 -15.59 8.42 -10.64
N LYS B 11 -16.01 8.43 -11.90
CA LYS B 11 -17.34 8.93 -12.24
C LYS B 11 -18.42 8.11 -11.54
N ASN B 12 -18.32 6.79 -11.63
CA ASN B 12 -19.28 5.90 -11.00
C ASN B 12 -19.33 6.09 -9.47
N LEU B 13 -18.16 6.26 -8.84
CA LEU B 13 -18.11 6.49 -7.39
C LEU B 13 -18.88 7.77 -7.05
N ARG B 14 -18.63 8.86 -7.80
CA ARG B 14 -19.34 10.11 -7.53
C ARG B 14 -20.85 9.95 -7.79
N SER B 15 -21.22 9.26 -8.88
CA SER B 15 -22.64 9.03 -9.17
C SER B 15 -23.23 8.21 -8.03
N GLY B 16 -22.48 7.20 -7.56
CA GLY B 16 -22.99 6.37 -6.49
C GLY B 16 -23.19 7.13 -5.19
N VAL B 17 -22.25 8.03 -4.85
CA VAL B 17 -22.44 8.77 -3.61
C VAL B 17 -23.64 9.72 -3.71
N ARG B 18 -23.85 10.36 -4.87
CA ARG B 18 -25.00 11.26 -5.03
C ARG B 18 -26.31 10.51 -4.86
N LYS B 19 -26.40 9.32 -5.44
CA LYS B 19 -27.64 8.58 -5.38
C LYS B 19 -27.86 7.76 -4.12
N TYR B 20 -26.81 7.06 -3.67
CA TYR B 20 -26.93 6.18 -2.51
C TYR B 20 -26.39 6.73 -1.20
N GLY B 21 -25.61 7.79 -1.28
CA GLY B 21 -25.09 8.42 -0.07
C GLY B 21 -23.67 8.05 0.32
N GLU B 22 -22.97 9.01 0.91
CA GLU B 22 -21.58 8.79 1.36
C GLU B 22 -21.62 7.73 2.46
N GLY B 23 -20.67 6.80 2.48
CA GLY B 23 -20.68 5.76 3.49
C GLY B 23 -21.34 4.44 3.06
N ASN B 24 -22.18 4.48 2.03
CA ASN B 24 -22.84 3.27 1.60
C ASN B 24 -22.07 2.62 0.46
N TRP B 25 -20.83 2.26 0.78
CA TRP B 25 -19.90 1.71 -0.19
C TRP B 25 -20.29 0.38 -0.84
N SER B 26 -20.81 -0.53 -0.03
CA SER B 26 -21.21 -1.85 -0.50
C SER B 26 -22.37 -1.72 -1.48
N LYS B 27 -23.29 -0.81 -1.19
CA LYS B 27 -24.42 -0.63 -2.10
C LYS B 27 -23.96 0.00 -3.41
N ILE B 28 -23.05 0.96 -3.30
CA ILE B 28 -22.53 1.61 -4.49
C ILE B 28 -21.82 0.60 -5.41
N LEU B 29 -21.03 -0.28 -4.79
CA LEU B 29 -20.27 -1.29 -5.51
C LEU B 29 -21.19 -2.21 -6.32
N LEU B 30 -22.39 -2.46 -5.80
CA LEU B 30 -23.35 -3.33 -6.45
C LEU B 30 -24.10 -2.70 -7.61
N HIS B 31 -24.08 -1.37 -7.69
CA HIS B 31 -24.83 -0.72 -8.75
C HIS B 31 -24.03 -0.12 -9.90
N TYR B 32 -22.70 -0.14 -9.82
CA TYR B 32 -21.91 0.41 -10.92
C TYR B 32 -20.71 -0.46 -11.22
N LYS B 33 -20.14 -0.29 -12.40
CA LYS B 33 -18.97 -1.06 -12.75
C LYS B 33 -17.69 -0.45 -12.15
N PHE B 34 -16.92 -1.29 -11.50
CA PHE B 34 -15.63 -0.90 -10.93
C PHE B 34 -14.66 -2.01 -11.35
N ASN B 35 -13.37 -1.71 -11.42
CA ASN B 35 -12.37 -2.71 -11.81
C ASN B 35 -11.90 -3.54 -10.63
N ASN B 36 -12.60 -4.64 -10.35
CA ASN B 36 -12.27 -5.52 -9.24
C ASN B 36 -11.95 -4.75 -7.94
N ARG B 37 -12.91 -3.95 -7.48
CA ARG B 37 -12.71 -3.17 -6.26
C ARG B 37 -13.58 -3.73 -5.16
N THR B 38 -13.20 -3.51 -3.91
CA THR B 38 -14.01 -3.96 -2.79
C THR B 38 -14.62 -2.70 -2.23
N SER B 39 -15.54 -2.84 -1.27
CA SER B 39 -16.16 -1.65 -0.70
C SER B 39 -15.13 -0.80 0.08
N VAL B 40 -14.07 -1.41 0.59
CA VAL B 40 -13.06 -0.67 1.35
C VAL B 40 -12.29 0.23 0.39
N MET B 41 -12.00 -0.28 -0.81
CA MET B 41 -11.26 0.51 -1.81
C MET B 41 -12.07 1.73 -2.25
N LEU B 42 -13.39 1.59 -2.33
CA LEU B 42 -14.24 2.73 -2.70
C LEU B 42 -14.13 3.78 -1.59
N LYS B 43 -14.28 3.34 -0.34
CA LYS B 43 -14.18 4.21 0.84
C LYS B 43 -12.85 4.97 0.82
N ASP B 44 -11.77 4.23 0.53
CA ASP B 44 -10.46 4.86 0.48
C ASP B 44 -10.30 5.85 -0.66
N ARG B 45 -10.86 5.54 -1.82
CA ARG B 45 -10.76 6.45 -2.94
C ARG B 45 -11.54 7.73 -2.61
N TRP B 46 -12.67 7.58 -1.93
CA TRP B 46 -13.47 8.76 -1.58
C TRP B 46 -12.61 9.68 -0.70
N ARG B 47 -11.92 9.10 0.27
CA ARG B 47 -11.05 9.90 1.13
C ARG B 47 -9.97 10.60 0.31
N THR B 48 -9.36 9.88 -0.63
CA THR B 48 -8.32 10.47 -1.44
C THR B 48 -8.89 11.63 -2.29
N MET B 49 -10.10 11.46 -2.82
CA MET B 49 -10.69 12.51 -3.66
C MET B 49 -10.84 13.78 -2.83
N LYS B 50 -11.24 13.67 -1.58
CA LYS B 50 -11.35 14.85 -0.73
C LYS B 50 -9.98 15.52 -0.59
N LYS B 51 -8.95 14.72 -0.33
CA LYS B 51 -7.59 15.24 -0.19
C LYS B 51 -7.15 15.98 -1.44
N LEU B 52 -7.55 15.50 -2.61
CA LEU B 52 -7.16 16.14 -3.87
C LEU B 52 -8.10 17.30 -4.29
#